data_3I8B
#
_entry.id   3I8B
#
_cell.length_a   96.732
_cell.length_b   61.918
_cell.length_c   94.606
_cell.angle_alpha   90.00
_cell.angle_beta   93.04
_cell.angle_gamma   90.00
#
_symmetry.space_group_name_H-M   'C 1 2 1'
#
loop_
_entity.id
_entity.type
_entity.pdbx_description
1 polymer 'Xylulose kinase'
2 non-polymer 'MAGNESIUM ION'
3 water water
#
_entity_poly.entity_id   1
_entity_poly.type   'polypeptide(L)'
_entity_poly.pdbx_seq_one_letter_code
;(MSE)SLRTLVAGVDTSTQSCKVRVTDAETGELVRFGQAKHPNGTSVDPSYWWSAFQEAAEQAGGLDDVSALAVGGQQHG
(MSE)VILDNQGNVIRDA(MSE)LWNDTSSAPQAAALIEKLGAAPAQDGEPEDPIARGKQRWVKAVGSSPVASYTLTKVA
WVAENEPENVKKIAAICLPHDWLSWRIAGYGPVAEGEDAHLEALFTDRSDASGTIYYDAASNEYRRDLIA(MSE)VLEAA
EGAKAAQSHAEAIVLPTVLGPRDAAPVKADPAIAGKNVEGGCLLAPGGGDNA(MSE)ASLGLG(MSE)AVGDVSISLGTS
GVAAAISENPTYDLTGAVSGFADCTGHYLPLACTINGSRILDAGRAALGVDYDELAKLAFASKPGANGITLVPYFDGERT
PNRPNATATFSG(MSE)TLANTTRENLARAFVEGLLCSQRDCLELIRSLGASITRILLIGGGAKSEAIRTLAPSILG
(MSE)DVTRPATDEYVAIGAARQAAWVLSGETEPPAWQLTIDGVETGEPTEAVYEAYAKARGEGHHHHHH
;
_entity_poly.pdbx_strand_id   A
#
# COMPACT_ATOMS: atom_id res chain seq x y z
N SER A 2 -4.03 -34.19 -5.89
CA SER A 2 -2.62 -33.83 -5.96
C SER A 2 -1.98 -33.95 -7.34
N LEU A 3 -2.59 -34.73 -8.24
CA LEU A 3 -2.30 -34.61 -9.66
C LEU A 3 -2.43 -33.15 -10.04
N ARG A 4 -3.49 -32.50 -9.57
CA ARG A 4 -3.69 -31.08 -9.86
C ARG A 4 -2.80 -30.18 -8.98
N THR A 5 -2.08 -29.28 -9.64
CA THR A 5 -1.13 -28.40 -8.95
C THR A 5 -1.84 -27.19 -8.34
N LEU A 6 -1.66 -27.00 -7.05
CA LEU A 6 -2.31 -25.94 -6.30
C LEU A 6 -1.26 -25.01 -5.71
N VAL A 7 -1.60 -23.74 -5.59
CA VAL A 7 -0.83 -22.78 -4.82
C VAL A 7 -1.76 -22.14 -3.79
N ALA A 8 -1.19 -21.34 -2.90
CA ALA A 8 -2.00 -20.67 -1.89
C ALA A 8 -1.56 -19.22 -1.81
N GLY A 9 -2.53 -18.32 -1.89
CA GLY A 9 -2.29 -16.90 -1.71
C GLY A 9 -2.81 -16.55 -0.33
N VAL A 10 -1.93 -16.00 0.49
CA VAL A 10 -2.31 -15.54 1.82
C VAL A 10 -2.38 -14.03 1.82
N ASP A 11 -3.46 -13.51 2.39
CA ASP A 11 -3.65 -12.08 2.56
C ASP A 11 -3.79 -11.76 4.05
N THR A 12 -2.70 -11.32 4.66
CA THR A 12 -2.79 -10.91 6.07
C THR A 12 -2.93 -9.39 6.13
N SER A 13 -4.16 -8.92 6.33
CA SER A 13 -4.45 -7.49 6.34
C SER A 13 -4.63 -7.04 7.78
N THR A 14 -4.83 -5.74 7.98
CA THR A 14 -5.07 -5.25 9.33
C THR A 14 -6.21 -6.03 9.98
N GLN A 15 -7.28 -6.23 9.25
CA GLN A 15 -8.51 -6.76 9.84
C GLN A 15 -8.61 -8.27 9.96
N SER A 16 -7.95 -8.99 9.06
CA SER A 16 -8.11 -10.44 9.01
C SER A 16 -7.02 -11.14 8.20
N CYS A 17 -7.03 -12.48 8.27
CA CYS A 17 -6.20 -13.30 7.42
C CYS A 17 -7.09 -14.08 6.46
N LYS A 18 -6.74 -14.07 5.18
CA LYS A 18 -7.47 -14.88 4.20
C LYS A 18 -6.51 -15.86 3.57
N VAL A 19 -6.99 -17.08 3.29
CA VAL A 19 -6.17 -18.09 2.61
C VAL A 19 -6.90 -18.61 1.38
N ARG A 20 -6.34 -18.36 0.20
CA ARG A 20 -6.98 -18.78 -1.02
C ARG A 20 -6.20 -19.89 -1.73
N VAL A 21 -6.63 -21.13 -1.50
CA VAL A 21 -6.02 -22.24 -2.21
C VAL A 21 -6.48 -22.16 -3.67
N THR A 22 -5.54 -22.12 -4.59
CA THR A 22 -5.95 -21.84 -5.97
C THR A 22 -5.24 -22.68 -7.01
N ASP A 23 -5.90 -22.87 -8.14
CA ASP A 23 -5.35 -23.64 -9.25
C ASP A 23 -4.19 -22.88 -9.89
N ALA A 24 -3.00 -23.49 -9.91
CA ALA A 24 -1.81 -22.81 -10.37
C ALA A 24 -1.92 -22.42 -11.84
N GLU A 25 -2.60 -23.25 -12.60
CA GLU A 25 -2.67 -23.02 -14.04
C GLU A 25 -3.73 -21.99 -14.42
N THR A 26 -4.86 -22.00 -13.72
CA THR A 26 -6.01 -21.17 -14.11
C THR A 26 -6.32 -19.99 -13.20
N GLY A 27 -5.84 -20.02 -11.97
CA GLY A 27 -6.18 -19.00 -10.98
C GLY A 27 -7.52 -19.26 -10.31
N GLU A 28 -8.19 -20.35 -10.71
CA GLU A 28 -9.49 -20.70 -10.13
C GLU A 28 -9.41 -20.97 -8.63
N LEU A 29 -10.41 -20.48 -7.91
CA LEU A 29 -10.50 -20.72 -6.47
C LEU A 29 -10.86 -22.18 -6.26
N VAL A 30 -10.13 -22.83 -5.35
CA VAL A 30 -10.35 -24.24 -5.05
C VAL A 30 -10.89 -24.34 -3.63
N ARG A 31 -10.20 -23.73 -2.67
CA ARG A 31 -10.73 -23.62 -1.31
C ARG A 31 -10.43 -22.23 -0.74
N PHE A 32 -11.14 -21.83 0.29
CA PHE A 32 -10.96 -20.51 0.90
C PHE A 32 -11.22 -20.57 2.39
N GLY A 33 -10.57 -19.69 3.14
CA GLY A 33 -10.75 -19.62 4.58
C GLY A 33 -10.31 -18.26 5.10
N GLN A 34 -10.85 -17.86 6.25
CA GLN A 34 -10.64 -16.50 6.73
C GLN A 34 -10.84 -16.46 8.25
N ALA A 35 -10.06 -15.61 8.92
CA ALA A 35 -10.18 -15.42 10.36
C ALA A 35 -9.86 -13.98 10.72
N LYS A 36 -10.41 -13.53 11.85
CA LYS A 36 -10.32 -12.12 12.25
C LYS A 36 -9.08 -11.80 13.06
N HIS A 37 -8.56 -10.59 12.85
CA HIS A 37 -7.56 -9.99 13.73
C HIS A 37 -8.25 -9.08 14.74
N PRO A 38 -7.64 -8.89 15.93
CA PRO A 38 -8.15 -7.90 16.88
C PRO A 38 -8.14 -6.49 16.26
N ASN A 39 -9.02 -5.61 16.72
CA ASN A 39 -8.98 -4.23 16.29
C ASN A 39 -7.79 -3.51 16.93
N GLY A 40 -7.40 -2.38 16.38
CA GLY A 40 -6.27 -1.64 16.91
C GLY A 40 -5.25 -1.28 15.86
N THR A 41 -4.53 -0.18 16.11
CA THR A 41 -3.52 0.32 15.21
C THR A 41 -2.14 -0.18 15.63
N SER A 42 -2.14 -0.94 16.72
CA SER A 42 -0.97 -1.69 17.18
C SER A 42 -1.48 -3.07 17.63
N VAL A 43 -0.65 -4.10 17.52
CA VAL A 43 -1.12 -5.45 17.80
C VAL A 43 0.00 -6.47 18.03
N ASP A 44 -0.29 -7.49 18.83
CA ASP A 44 0.64 -8.59 19.05
C ASP A 44 0.58 -9.56 17.86
N PRO A 45 1.69 -9.72 17.13
CA PRO A 45 1.70 -10.60 15.96
C PRO A 45 1.23 -12.03 16.25
N SER A 46 1.29 -12.46 17.50
CA SER A 46 0.72 -13.75 17.91
C SER A 46 -0.70 -13.90 17.35
N TYR A 47 -1.46 -12.82 17.30
CA TYR A 47 -2.80 -12.89 16.72
C TYR A 47 -2.80 -13.13 15.22
N TRP A 48 -1.75 -12.65 14.52
CA TRP A 48 -1.65 -12.89 13.08
C TRP A 48 -1.32 -14.35 12.82
N TRP A 49 -0.49 -14.94 13.66
CA TRP A 49 -0.19 -16.35 13.50
C TRP A 49 -1.44 -17.20 13.74
N SER A 50 -2.16 -16.89 14.82
N SER A 50 -2.16 -16.89 14.82
CA SER A 50 -3.38 -17.63 15.17
CA SER A 50 -3.38 -17.64 15.16
C SER A 50 -4.44 -17.51 14.08
C SER A 50 -4.45 -17.52 14.08
N ALA A 51 -4.63 -16.30 13.57
CA ALA A 51 -5.57 -16.07 12.49
C ALA A 51 -5.17 -16.84 11.22
N PHE A 52 -3.88 -16.84 10.89
CA PHE A 52 -3.43 -17.63 9.74
C PHE A 52 -3.79 -19.12 9.89
N GLN A 53 -3.51 -19.65 11.07
CA GLN A 53 -3.74 -21.06 11.34
C GLN A 53 -5.21 -21.40 11.19
N GLU A 54 -6.08 -20.57 11.76
CA GLU A 54 -7.52 -20.81 11.73
C GLU A 54 -8.05 -20.64 10.31
N ALA A 55 -7.52 -19.66 9.60
CA ALA A 55 -7.88 -19.41 8.21
C ALA A 55 -7.49 -20.57 7.32
N ALA A 56 -6.26 -21.07 7.49
CA ALA A 56 -5.76 -22.19 6.70
C ALA A 56 -6.54 -23.49 6.95
N GLU A 57 -6.89 -23.72 8.21
CA GLU A 57 -7.72 -24.88 8.58
C GLU A 57 -9.09 -24.78 7.91
N GLN A 58 -9.69 -23.60 7.95
CA GLN A 58 -10.98 -23.39 7.31
C GLN A 58 -10.90 -23.63 5.79
N ALA A 59 -9.72 -23.34 5.24
CA ALA A 59 -9.47 -23.57 3.81
C ALA A 59 -9.08 -25.02 3.53
N GLY A 60 -9.21 -25.88 4.53
CA GLY A 60 -8.97 -27.31 4.35
C GLY A 60 -7.51 -27.72 4.40
N GLY A 61 -6.67 -26.91 5.03
CA GLY A 61 -5.26 -27.23 5.13
C GLY A 61 -4.54 -26.95 3.83
N LEU A 62 -3.21 -27.14 3.85
CA LEU A 62 -2.35 -26.84 2.72
C LEU A 62 -1.44 -28.03 2.38
N ASP A 63 -1.82 -29.23 2.78
CA ASP A 63 -0.99 -30.41 2.58
C ASP A 63 -0.77 -30.68 1.09
N ASP A 64 -1.70 -30.22 0.26
CA ASP A 64 -1.61 -30.46 -1.18
C ASP A 64 -1.14 -29.23 -1.96
N VAL A 65 -0.47 -28.31 -1.27
CA VAL A 65 -0.07 -27.05 -1.89
C VAL A 65 1.43 -27.02 -2.19
N SER A 66 1.77 -26.58 -3.41
CA SER A 66 3.13 -26.60 -3.96
C SER A 66 3.93 -25.28 -3.85
N ALA A 67 3.23 -24.17 -3.68
CA ALA A 67 3.90 -22.90 -3.43
C ALA A 67 2.92 -21.96 -2.73
N LEU A 68 3.46 -21.05 -1.92
CA LEU A 68 2.64 -20.14 -1.14
C LEU A 68 3.31 -18.76 -1.08
N ALA A 69 2.50 -17.71 -1.12
CA ALA A 69 2.97 -16.33 -0.96
C ALA A 69 2.06 -15.56 0.00
N VAL A 70 2.67 -14.67 0.78
CA VAL A 70 1.90 -13.84 1.70
C VAL A 70 1.90 -12.39 1.25
N GLY A 71 0.71 -11.85 1.01
CA GLY A 71 0.57 -10.42 0.79
C GLY A 71 0.20 -9.83 2.13
N GLY A 72 0.82 -8.70 2.51
CA GLY A 72 0.61 -8.16 3.83
C GLY A 72 0.31 -6.67 3.88
N GLN A 73 -0.38 -6.26 4.93
CA GLN A 73 -0.52 -4.82 5.21
C GLN A 73 0.90 -4.22 5.25
N GLN A 74 1.10 -3.07 4.61
CA GLN A 74 2.44 -2.48 4.48
C GLN A 74 2.96 -1.89 5.80
N HIS A 75 4.27 -1.69 5.87
CA HIS A 75 4.91 -0.82 6.88
C HIS A 75 5.00 -1.36 8.32
N GLY A 76 4.02 -2.16 8.72
CA GLY A 76 3.97 -2.63 10.10
C GLY A 76 5.32 -3.05 10.64
N VAL A 78 7.64 -5.05 12.89
CA VAL A 78 7.83 -6.21 13.77
C VAL A 78 9.30 -6.28 14.21
N ILE A 79 9.54 -6.08 15.50
CA ILE A 79 10.90 -6.20 16.01
C ILE A 79 11.11 -7.43 16.87
N LEU A 80 12.20 -8.15 16.58
CA LEU A 80 12.55 -9.42 17.21
C LEU A 80 13.84 -9.30 17.98
N ASP A 81 13.91 -10.00 19.12
CA ASP A 81 15.15 -10.05 19.88
C ASP A 81 16.08 -11.18 19.40
N ASN A 82 17.21 -11.36 20.09
CA ASN A 82 18.18 -12.42 19.80
C ASN A 82 17.57 -13.81 19.72
N GLN A 83 16.45 -13.99 20.41
CA GLN A 83 15.85 -15.31 20.55
C GLN A 83 14.64 -15.50 19.64
N GLY A 84 14.41 -14.55 18.74
CA GLY A 84 13.27 -14.61 17.84
C GLY A 84 11.93 -14.21 18.45
N ASN A 85 11.94 -13.72 19.69
CA ASN A 85 10.74 -13.19 20.33
C ASN A 85 10.35 -11.81 19.82
N VAL A 86 9.05 -11.57 19.64
CA VAL A 86 8.59 -10.23 19.34
C VAL A 86 8.78 -9.37 20.58
N ILE A 87 9.50 -8.26 20.44
CA ILE A 87 9.85 -7.40 21.57
C ILE A 87 8.68 -6.61 22.21
N ARG A 88 7.82 -6.05 21.38
CA ARG A 88 6.70 -5.21 21.81
C ARG A 88 5.71 -5.24 20.66
N ASP A 89 4.51 -4.68 20.85
CA ASP A 89 3.48 -4.75 19.81
C ASP A 89 3.90 -4.16 18.47
N ALA A 90 3.44 -4.78 17.39
CA ALA A 90 3.69 -4.24 16.07
C ALA A 90 2.92 -2.95 15.96
N LEU A 92 1.33 -0.32 13.37
CA LEU A 92 0.81 -0.54 12.03
C LEU A 92 0.72 0.71 11.17
N TRP A 93 0.39 0.53 9.90
CA TRP A 93 0.33 1.63 8.94
C TRP A 93 -0.57 2.78 9.45
N ASN A 94 -1.58 2.44 10.23
CA ASN A 94 -2.55 3.43 10.70
C ASN A 94 -2.35 3.90 12.13
N ASP A 95 -1.27 3.44 12.76
CA ASP A 95 -0.82 4.04 14.01
C ASP A 95 -0.33 5.45 13.72
N THR A 96 -0.75 6.42 14.53
CA THR A 96 -0.30 7.80 14.37
C THR A 96 0.65 8.23 15.48
N SER A 97 1.00 7.30 16.37
CA SER A 97 1.98 7.56 17.43
C SER A 97 3.27 8.18 16.91
N SER A 98 3.71 7.72 15.74
CA SER A 98 5.04 8.06 15.22
C SER A 98 5.06 9.34 14.40
N ALA A 99 3.94 10.05 14.39
CA ALA A 99 3.85 11.32 13.65
C ALA A 99 4.97 12.33 13.99
N PRO A 100 5.29 12.51 15.27
CA PRO A 100 6.39 13.45 15.61
C PRO A 100 7.70 12.98 15.00
N GLN A 101 7.94 11.67 15.03
CA GLN A 101 9.17 11.13 14.48
C GLN A 101 9.24 11.33 12.96
N ALA A 102 8.11 11.20 12.27
CA ALA A 102 8.08 11.45 10.83
C ALA A 102 8.48 12.91 10.55
N ALA A 103 7.89 13.83 11.32
CA ALA A 103 8.22 15.25 11.21
C ALA A 103 9.71 15.50 11.47
N ALA A 104 10.21 14.91 12.55
CA ALA A 104 11.61 15.08 12.93
C ALA A 104 12.59 14.54 11.89
N LEU A 105 12.26 13.39 11.29
CA LEU A 105 13.12 12.80 10.25
C LEU A 105 13.30 13.78 9.09
N ILE A 106 12.23 14.45 8.72
CA ILE A 106 12.28 15.43 7.64
C ILE A 106 13.21 16.60 8.02
N GLU A 107 13.02 17.15 9.21
CA GLU A 107 13.84 18.26 9.68
C GLU A 107 15.32 17.82 9.78
N LYS A 108 15.53 16.59 10.24
CA LYS A 108 16.90 16.09 10.41
C LYS A 108 17.68 15.97 9.10
N LEU A 109 17.03 15.41 8.07
CA LEU A 109 17.66 15.31 6.74
C LEU A 109 17.76 16.65 6.02
N GLY A 110 16.82 17.55 6.29
CA GLY A 110 16.82 18.84 5.62
C GLY A 110 17.79 19.83 6.24
N ALA A 111 18.26 19.52 7.45
CA ALA A 111 19.09 20.44 8.23
C ALA A 111 20.33 20.96 7.48
N ALA A 112 21.13 20.06 6.93
CA ALA A 112 22.32 20.47 6.17
C ALA A 112 21.95 21.52 5.10
N PRO A 113 22.83 22.53 4.92
CA PRO A 113 22.53 23.68 4.06
C PRO A 113 22.22 23.27 2.62
N ALA A 114 21.40 24.06 1.95
CA ALA A 114 21.06 23.82 0.55
C ALA A 114 22.30 23.68 -0.33
N GLN A 115 22.25 22.70 -1.23
CA GLN A 115 23.25 22.55 -2.26
C GLN A 115 22.64 22.99 -3.57
N ASP A 116 23.50 23.33 -4.51
CA ASP A 116 23.14 23.56 -5.90
C ASP A 116 21.76 22.99 -6.25
N GLY A 117 20.76 23.85 -6.29
CA GLY A 117 19.44 23.45 -6.75
C GLY A 117 18.43 23.07 -5.67
N GLU A 118 18.93 22.63 -4.51
CA GLU A 118 18.05 22.27 -3.40
C GLU A 118 17.29 23.49 -2.90
N PRO A 119 16.05 23.26 -2.40
CA PRO A 119 15.21 24.31 -1.80
C PRO A 119 15.91 24.99 -0.62
N GLU A 120 15.62 26.26 -0.40
CA GLU A 120 16.17 26.98 0.74
C GLU A 120 15.46 26.62 2.03
N ASP A 121 14.15 26.39 1.94
CA ASP A 121 13.39 25.96 3.10
C ASP A 121 13.84 24.57 3.55
N PRO A 122 14.23 24.44 4.82
CA PRO A 122 14.79 23.18 5.34
C PRO A 122 13.78 22.02 5.26
N ILE A 123 12.49 22.32 5.42
CA ILE A 123 11.46 21.30 5.35
C ILE A 123 11.28 20.77 3.91
N ALA A 124 11.11 21.68 2.96
CA ALA A 124 11.00 21.30 1.55
C ALA A 124 12.25 20.52 1.16
N ARG A 125 13.39 20.93 1.70
CA ARG A 125 14.67 20.33 1.36
C ARG A 125 14.79 18.93 1.95
N GLY A 126 14.30 18.76 3.17
CA GLY A 126 14.33 17.46 3.82
C GLY A 126 13.42 16.50 3.09
N LYS A 127 12.23 16.96 2.72
CA LYS A 127 11.30 16.12 1.97
C LYS A 127 11.96 15.66 0.68
N GLN A 128 12.60 16.57 -0.05
CA GLN A 128 13.24 16.23 -1.31
C GLN A 128 14.36 15.23 -1.15
N ARG A 129 15.13 15.37 -0.07
CA ARG A 129 16.24 14.46 0.19
C ARG A 129 15.77 13.04 0.54
N TRP A 130 14.63 12.95 1.21
CA TRP A 130 14.02 11.65 1.50
C TRP A 130 13.54 10.97 0.23
N VAL A 131 12.82 11.72 -0.60
CA VAL A 131 12.33 11.19 -1.86
C VAL A 131 13.49 10.64 -2.73
N LYS A 132 14.55 11.43 -2.87
CA LYS A 132 15.73 10.99 -3.63
C LYS A 132 16.46 9.80 -2.99
N ALA A 133 16.49 9.76 -1.66
CA ALA A 133 17.18 8.69 -0.93
C ALA A 133 16.49 7.33 -1.05
N VAL A 134 15.17 7.29 -0.83
CA VAL A 134 14.44 6.02 -0.74
C VAL A 134 13.09 6.01 -1.45
N GLY A 135 12.72 7.12 -2.10
CA GLY A 135 11.48 7.18 -2.87
C GLY A 135 10.30 7.92 -2.24
N SER A 136 10.28 8.06 -0.91
CA SER A 136 9.13 8.65 -0.24
C SER A 136 9.51 9.58 0.92
N SER A 137 8.70 10.60 1.11
CA SER A 137 8.86 11.51 2.24
C SER A 137 8.13 10.98 3.48
N PRO A 138 8.83 10.93 4.64
CA PRO A 138 8.30 10.31 5.87
C PRO A 138 6.88 10.73 6.24
N VAL A 139 6.06 9.73 6.58
CA VAL A 139 4.77 9.94 7.23
C VAL A 139 4.73 8.91 8.35
N ALA A 140 3.79 9.06 9.26
CA ALA A 140 3.66 8.16 10.40
C ALA A 140 3.54 6.69 10.00
N SER A 141 3.04 6.43 8.79
CA SER A 141 2.85 5.04 8.36
C SER A 141 4.15 4.25 8.34
N TYR A 142 5.22 4.89 7.90
CA TYR A 142 6.43 4.20 7.52
C TYR A 142 7.24 3.58 8.66
N THR A 143 7.83 2.42 8.35
CA THR A 143 8.48 1.57 9.35
C THR A 143 9.55 2.31 10.13
N LEU A 144 10.42 3.04 9.44
CA LEU A 144 11.49 3.76 10.11
C LEU A 144 10.94 4.68 11.21
N THR A 145 9.77 5.27 10.98
CA THR A 145 9.22 6.20 11.97
C THR A 145 8.82 5.47 13.24
N LYS A 146 8.38 4.21 13.08
CA LYS A 146 8.01 3.38 14.22
C LYS A 146 9.25 3.03 15.06
N VAL A 147 10.32 2.67 14.38
CA VAL A 147 11.57 2.34 15.05
C VAL A 147 12.07 3.57 15.79
N ALA A 148 12.03 4.72 15.13
CA ALA A 148 12.32 6.01 15.76
C ALA A 148 11.51 6.23 17.04
N TRP A 149 10.22 5.96 16.98
CA TRP A 149 9.34 6.18 18.10
C TRP A 149 9.75 5.27 19.27
N VAL A 150 10.10 4.04 18.95
CA VAL A 150 10.51 3.09 19.97
C VAL A 150 11.82 3.52 20.62
N ALA A 151 12.73 4.07 19.81
CA ALA A 151 14.00 4.56 20.37
C ALA A 151 13.73 5.73 21.31
N GLU A 152 12.78 6.55 20.96
CA GLU A 152 12.49 7.75 21.76
C GLU A 152 11.71 7.40 23.03
N ASN A 153 10.75 6.48 22.93
CA ASN A 153 9.84 6.22 24.03
C ASN A 153 10.12 4.98 24.84
N GLU A 154 10.82 4.01 24.23
CA GLU A 154 11.11 2.72 24.86
C GLU A 154 12.55 2.28 24.60
N PRO A 155 13.52 3.05 25.12
CA PRO A 155 14.94 2.77 24.89
C PRO A 155 15.38 1.34 25.23
N GLU A 156 14.87 0.76 26.33
CA GLU A 156 15.25 -0.61 26.70
C GLU A 156 14.86 -1.61 25.62
N ASN A 157 13.73 -1.37 24.97
CA ASN A 157 13.23 -2.19 23.88
C ASN A 157 14.02 -1.99 22.59
N VAL A 158 14.36 -0.75 22.27
CA VAL A 158 15.04 -0.50 21.01
C VAL A 158 16.41 -1.16 21.00
N LYS A 159 17.04 -1.21 22.17
CA LYS A 159 18.37 -1.79 22.31
C LYS A 159 18.38 -3.32 22.20
N LYS A 160 17.21 -3.96 22.34
CA LYS A 160 17.11 -5.42 22.18
C LYS A 160 16.92 -5.87 20.73
N ILE A 161 16.67 -4.92 19.83
CA ILE A 161 16.39 -5.27 18.44
C ILE A 161 17.52 -6.09 17.85
N ALA A 162 17.23 -7.31 17.41
CA ALA A 162 18.16 -8.12 16.62
C ALA A 162 17.74 -8.20 15.15
N ALA A 163 16.45 -7.99 14.89
CA ALA A 163 15.93 -7.99 13.52
C ALA A 163 14.70 -7.09 13.40
N ILE A 164 14.53 -6.47 12.25
CA ILE A 164 13.32 -5.72 11.97
C ILE A 164 12.71 -6.30 10.71
N CYS A 165 11.40 -6.56 10.71
CA CYS A 165 10.73 -7.06 9.51
C CYS A 165 9.28 -6.61 9.43
N LEU A 166 8.67 -6.83 8.28
CA LEU A 166 7.29 -6.40 8.05
C LEU A 166 6.32 -7.57 8.26
N PRO A 167 5.01 -7.28 8.36
CA PRO A 167 4.06 -8.35 8.64
C PRO A 167 4.13 -9.56 7.66
N HIS A 168 4.13 -9.31 6.36
CA HIS A 168 4.24 -10.43 5.41
C HIS A 168 5.55 -11.20 5.58
N ASP A 169 6.61 -10.50 5.95
CA ASP A 169 7.91 -11.15 6.14
C ASP A 169 7.83 -12.10 7.33
N TRP A 170 7.27 -11.61 8.43
CA TRP A 170 7.22 -12.36 9.68
C TRP A 170 6.34 -13.60 9.54
N LEU A 171 5.16 -13.42 8.94
CA LEU A 171 4.29 -14.57 8.72
C LEU A 171 4.96 -15.64 7.84
N SER A 172 5.69 -15.20 6.82
CA SER A 172 6.36 -16.15 5.94
C SER A 172 7.40 -16.95 6.71
N TRP A 173 8.16 -16.26 7.55
CA TRP A 173 9.17 -16.86 8.42
C TRP A 173 8.56 -17.90 9.39
N ARG A 174 7.41 -17.57 9.97
CA ARG A 174 6.67 -18.52 10.81
C ARG A 174 6.15 -19.73 10.01
N ILE A 175 5.68 -19.47 8.79
CA ILE A 175 5.23 -20.54 7.91
C ILE A 175 6.37 -21.52 7.58
N ALA A 176 7.58 -20.99 7.39
CA ALA A 176 8.79 -21.77 7.22
C ALA A 176 9.13 -22.56 8.46
N GLY A 177 8.41 -22.32 9.54
CA GLY A 177 8.57 -23.10 10.75
C GLY A 177 9.49 -22.50 11.79
N TYR A 178 9.94 -21.26 11.56
CA TYR A 178 10.80 -20.56 12.49
C TYR A 178 10.00 -19.84 13.56
N GLY A 179 10.70 -19.33 14.58
CA GLY A 179 10.04 -18.69 15.72
C GLY A 179 10.93 -18.66 16.96
N PRO A 180 10.37 -18.19 18.08
CA PRO A 180 11.14 -18.02 19.32
C PRO A 180 11.89 -19.26 19.74
N VAL A 181 13.14 -19.10 20.15
CA VAL A 181 13.92 -20.23 20.64
C VAL A 181 14.41 -19.95 22.05
N ALA A 182 14.96 -20.97 22.70
CA ALA A 182 15.48 -20.80 24.06
C ALA A 182 16.82 -20.09 24.00
N GLU A 183 17.25 -19.59 25.16
CA GLU A 183 18.53 -18.89 25.27
C GLU A 183 19.66 -19.77 24.77
N GLY A 184 20.51 -19.21 23.93
CA GLY A 184 21.68 -19.91 23.43
C GLY A 184 21.35 -20.85 22.29
N GLU A 185 20.12 -20.78 21.79
CA GLU A 185 19.74 -21.52 20.60
C GLU A 185 19.83 -20.61 19.38
N ASP A 186 19.93 -21.21 18.19
CA ASP A 186 19.94 -20.43 16.96
C ASP A 186 18.52 -20.04 16.59
N ALA A 187 18.26 -18.74 16.53
CA ALA A 187 16.94 -18.22 16.13
C ALA A 187 16.73 -18.24 14.60
N HIS A 188 17.81 -18.40 13.84
CA HIS A 188 17.71 -18.32 12.37
C HIS A 188 17.04 -17.03 11.88
N LEU A 189 17.37 -15.89 12.49
CA LEU A 189 16.82 -14.62 12.01
C LEU A 189 17.21 -14.36 10.56
N GLU A 190 18.38 -14.86 10.16
CA GLU A 190 18.82 -14.70 8.78
C GLU A 190 17.97 -15.43 7.76
N ALA A 191 17.07 -16.31 8.22
CA ALA A 191 16.15 -16.95 7.28
C ALA A 191 15.08 -15.97 6.80
N LEU A 192 14.97 -14.80 7.45
CA LEU A 192 14.00 -13.79 7.03
C LEU A 192 14.20 -13.33 5.58
N PHE A 193 13.12 -13.23 4.83
CA PHE A 193 13.18 -12.71 3.47
C PHE A 193 12.00 -11.78 3.21
N THR A 194 12.15 -10.93 2.21
CA THR A 194 11.06 -10.06 1.82
C THR A 194 11.07 -9.85 0.29
N ASP A 195 10.23 -8.95 -0.23
CA ASP A 195 10.32 -8.58 -1.64
C ASP A 195 10.55 -7.08 -1.80
N ARG A 196 10.70 -6.63 -3.04
CA ARG A 196 10.91 -5.20 -3.32
C ARG A 196 9.73 -4.33 -2.92
N SER A 197 8.50 -4.84 -3.04
CA SER A 197 7.36 -3.96 -2.81
C SER A 197 7.19 -3.60 -1.31
N ASP A 198 7.30 -4.59 -0.43
CA ASP A 198 7.20 -4.30 1.00
C ASP A 198 8.41 -3.56 1.55
N ALA A 199 9.60 -3.94 1.12
CA ALA A 199 10.81 -3.25 1.58
C ALA A 199 10.79 -1.76 1.19
N SER A 200 10.22 -1.44 0.03
CA SER A 200 10.15 -0.05 -0.41
C SER A 200 9.27 0.81 0.48
N GLY A 201 8.55 0.18 1.40
CA GLY A 201 7.67 0.91 2.31
C GLY A 201 8.27 1.17 3.68
N THR A 202 9.56 0.85 3.87
CA THR A 202 10.22 1.05 5.16
C THR A 202 10.83 2.46 5.35
N ILE A 203 11.12 3.11 4.22
CA ILE A 203 12.02 4.27 4.11
C ILE A 203 13.42 4.09 4.73
N TYR A 204 13.87 2.83 4.81
CA TYR A 204 15.28 2.51 4.98
C TYR A 204 15.77 1.52 3.92
N TYR A 205 15.05 1.47 2.81
CA TYR A 205 15.45 0.66 1.65
C TYR A 205 15.28 1.44 0.36
N ASP A 206 16.27 1.33 -0.51
CA ASP A 206 16.17 1.97 -1.82
C ASP A 206 16.10 0.95 -2.96
N ALA A 207 14.92 0.85 -3.57
CA ALA A 207 14.63 -0.13 -4.62
C ALA A 207 15.48 0.05 -5.86
N ALA A 208 15.66 1.30 -6.28
CA ALA A 208 16.48 1.59 -7.46
C ALA A 208 17.87 0.95 -7.34
N SER A 209 18.48 1.05 -6.16
CA SER A 209 19.81 0.49 -5.98
C SER A 209 19.83 -0.86 -5.27
N ASN A 210 18.67 -1.34 -4.87
CA ASN A 210 18.59 -2.53 -4.03
C ASN A 210 19.50 -2.45 -2.80
N GLU A 211 19.42 -1.32 -2.08
CA GLU A 211 20.24 -1.11 -0.90
C GLU A 211 19.41 -0.74 0.31
N TYR A 212 19.64 -1.45 1.40
CA TYR A 212 19.21 -0.96 2.71
C TYR A 212 20.10 0.21 3.14
N ARG A 213 19.48 1.25 3.66
CA ARG A 213 20.18 2.43 4.17
C ARG A 213 20.29 2.32 5.69
N ARG A 214 21.30 1.57 6.13
CA ARG A 214 21.48 1.32 7.56
C ARG A 214 21.86 2.59 8.31
N ASP A 215 22.37 3.58 7.59
CA ASP A 215 22.67 4.89 8.18
C ASP A 215 21.39 5.64 8.63
N LEU A 216 20.30 5.42 7.91
CA LEU A 216 19.04 6.07 8.27
C LEU A 216 18.45 5.39 9.50
N ILE A 217 18.75 4.11 9.68
CA ILE A 217 18.36 3.39 10.90
C ILE A 217 19.20 3.90 12.09
N ALA A 218 20.52 3.91 11.94
CA ALA A 218 21.40 4.49 12.96
C ALA A 218 20.90 5.87 13.36
N VAL A 220 18.02 7.10 13.70
CA VAL A 220 16.94 7.11 14.69
C VAL A 220 17.29 6.39 16.00
N LEU A 221 18.28 5.50 15.95
CA LEU A 221 18.76 4.80 17.14
C LEU A 221 19.62 5.70 18.03
N GLU A 222 20.15 6.75 17.43
CA GLU A 222 21.08 7.66 18.12
C GLU A 222 20.49 8.20 19.41
N ALA A 223 19.18 8.49 19.38
CA ALA A 223 18.48 9.04 20.53
C ALA A 223 18.61 8.16 21.76
N ALA A 224 18.60 6.85 21.56
CA ALA A 224 18.68 5.93 22.69
C ALA A 224 20.11 5.50 23.03
N GLU A 225 21.00 5.50 22.04
CA GLU A 225 22.27 4.77 22.17
C GLU A 225 23.56 5.60 22.06
N GLY A 226 23.50 6.81 21.52
CA GLY A 226 24.71 7.52 21.17
C GLY A 226 25.10 7.17 19.74
N ALA A 227 25.86 8.04 19.08
CA ALA A 227 26.13 7.90 17.65
C ALA A 227 26.86 6.63 17.22
N LYS A 228 28.02 6.35 17.82
CA LYS A 228 28.79 5.17 17.41
C LYS A 228 28.10 3.86 17.80
N ALA A 229 27.50 3.81 18.97
CA ALA A 229 26.74 2.63 19.38
C ALA A 229 25.56 2.41 18.42
N ALA A 230 24.92 3.51 18.02
CA ALA A 230 23.79 3.42 17.10
C ALA A 230 24.25 2.88 15.75
N GLN A 231 25.41 3.37 15.29
CA GLN A 231 26.03 2.87 14.08
C GLN A 231 26.31 1.35 14.15
N SER A 232 26.86 0.91 15.27
CA SER A 232 27.17 -0.49 15.47
C SER A 232 25.90 -1.35 15.45
N HIS A 233 24.88 -0.88 16.16
CA HIS A 233 23.60 -1.58 16.23
C HIS A 233 23.02 -1.73 14.82
N ALA A 234 22.94 -0.64 14.07
CA ALA A 234 22.30 -0.65 12.77
C ALA A 234 23.02 -1.59 11.78
N GLU A 235 24.33 -1.74 11.95
CA GLU A 235 25.09 -2.71 11.19
C GLU A 235 24.78 -4.12 11.62
N ALA A 236 24.59 -4.33 12.92
CA ALA A 236 24.40 -5.68 13.45
C ALA A 236 22.98 -6.25 13.18
N ILE A 237 22.01 -5.36 12.97
CA ILE A 237 20.60 -5.77 12.85
C ILE A 237 20.35 -6.62 11.60
N VAL A 238 19.60 -7.71 11.75
CA VAL A 238 19.28 -8.55 10.61
C VAL A 238 18.05 -7.94 9.93
N LEU A 239 18.15 -7.71 8.61
CA LEU A 239 17.06 -7.18 7.80
C LEU A 239 16.72 -8.25 6.77
N PRO A 240 15.45 -8.37 6.38
CA PRO A 240 15.16 -9.47 5.44
C PRO A 240 15.84 -9.33 4.07
N THR A 241 16.36 -10.46 3.56
CA THR A 241 16.91 -10.53 2.22
C THR A 241 15.83 -10.19 1.22
N VAL A 242 16.12 -9.20 0.38
CA VAL A 242 15.15 -8.74 -0.59
C VAL A 242 15.21 -9.64 -1.84
N LEU A 243 14.14 -10.40 -2.06
CA LEU A 243 14.14 -11.33 -3.19
C LEU A 243 13.64 -10.66 -4.45
N GLY A 244 14.09 -11.16 -5.60
CA GLY A 244 13.51 -10.75 -6.87
C GLY A 244 12.08 -11.22 -6.97
N PRO A 245 11.31 -10.59 -7.87
CA PRO A 245 9.89 -10.81 -8.10
C PRO A 245 9.51 -12.28 -8.35
N ARG A 246 10.39 -13.05 -8.96
CA ARG A 246 10.05 -14.45 -9.23
C ARG A 246 11.08 -15.44 -8.72
N ASP A 247 11.78 -15.07 -7.66
CA ASP A 247 12.73 -15.95 -6.98
C ASP A 247 12.03 -16.75 -5.90
N ALA A 248 12.29 -18.04 -5.80
CA ALA A 248 11.83 -18.79 -4.63
C ALA A 248 12.67 -18.42 -3.42
N ALA A 249 12.08 -18.38 -2.23
CA ALA A 249 12.89 -18.17 -1.03
C ALA A 249 13.84 -19.35 -0.81
N PRO A 250 14.93 -19.12 -0.07
CA PRO A 250 15.85 -20.21 0.26
C PRO A 250 15.24 -21.27 1.17
N VAL A 251 14.15 -20.94 1.85
CA VAL A 251 13.50 -21.91 2.72
C VAL A 251 12.09 -22.20 2.20
N LYS A 252 11.62 -23.42 2.43
CA LYS A 252 10.26 -23.83 2.05
C LYS A 252 9.37 -23.75 3.27
N ALA A 253 8.06 -23.90 3.07
CA ALA A 253 7.15 -24.02 4.20
C ALA A 253 7.55 -25.24 5.01
N ASP A 254 7.41 -25.13 6.33
CA ASP A 254 7.50 -26.29 7.21
C ASP A 254 6.43 -27.30 6.80
N PRO A 255 6.79 -28.60 6.69
CA PRO A 255 5.85 -29.61 6.18
C PRO A 255 4.61 -29.80 7.05
N ALA A 256 4.70 -29.45 8.33
CA ALA A 256 3.53 -29.50 9.22
C ALA A 256 2.54 -28.43 8.83
N ILE A 257 3.02 -27.40 8.15
CA ILE A 257 2.15 -26.31 7.72
C ILE A 257 1.66 -26.45 6.27
N ALA A 258 2.57 -26.71 5.33
CA ALA A 258 2.15 -26.87 3.94
C ALA A 258 3.04 -27.86 3.17
N GLY A 259 2.48 -28.45 2.10
CA GLY A 259 3.24 -29.26 1.16
C GLY A 259 3.65 -30.69 1.52
N LYS A 260 3.21 -31.23 2.67
CA LYS A 260 3.68 -32.58 3.04
C LYS A 260 3.28 -33.67 2.01
N ASN A 261 2.20 -33.44 1.28
CA ASN A 261 1.72 -34.42 0.30
C ASN A 261 1.98 -34.05 -1.16
N VAL A 262 2.96 -33.18 -1.40
CA VAL A 262 3.34 -32.87 -2.79
C VAL A 262 4.85 -33.07 -3.01
N GLU A 263 5.21 -33.38 -4.26
CA GLU A 263 6.60 -33.50 -4.70
C GLU A 263 7.36 -32.22 -4.44
N GLY A 264 8.36 -32.28 -3.58
CA GLY A 264 9.23 -31.13 -3.32
C GLY A 264 8.72 -30.21 -2.24
N GLY A 265 7.61 -30.58 -1.59
CA GLY A 265 7.02 -29.75 -0.55
C GLY A 265 6.48 -28.44 -1.11
N CYS A 266 6.34 -27.44 -0.24
CA CYS A 266 5.77 -26.16 -0.61
C CYS A 266 6.82 -25.05 -0.58
N LEU A 267 7.19 -24.54 -1.75
CA LEU A 267 8.14 -23.44 -1.79
C LEU A 267 7.48 -22.15 -1.33
N LEU A 268 8.30 -21.18 -0.96
CA LEU A 268 7.78 -19.89 -0.54
C LEU A 268 8.19 -18.86 -1.57
N ALA A 269 7.20 -18.14 -2.09
CA ALA A 269 7.44 -17.02 -3.00
C ALA A 269 7.75 -15.78 -2.14
N PRO A 270 8.27 -14.72 -2.78
CA PRO A 270 8.78 -13.59 -1.98
C PRO A 270 7.71 -12.88 -1.14
N GLY A 271 6.43 -12.98 -1.55
CA GLY A 271 5.38 -12.24 -0.87
C GLY A 271 5.41 -10.78 -1.29
N GLY A 272 4.67 -9.92 -0.58
CA GLY A 272 4.68 -8.50 -0.90
C GLY A 272 3.71 -7.66 -0.10
N GLY A 273 3.75 -6.34 -0.32
CA GLY A 273 2.82 -5.42 0.30
C GLY A 273 1.46 -5.45 -0.39
N ASP A 274 0.40 -5.10 0.35
CA ASP A 274 -0.95 -5.30 -0.18
C ASP A 274 -1.23 -4.56 -1.48
N ASN A 275 -0.91 -3.27 -1.54
CA ASN A 275 -1.15 -2.52 -2.78
C ASN A 275 -0.56 -3.18 -4.03
N ALA A 276 0.72 -3.54 -3.97
CA ALA A 276 1.38 -4.22 -5.09
C ALA A 276 0.85 -5.64 -5.36
N ALA A 278 -2.25 -6.68 -4.78
CA ALA A 278 -3.55 -6.50 -5.43
C ALA A 278 -3.36 -6.20 -6.90
N SER A 279 -2.37 -5.34 -7.19
CA SER A 279 -2.09 -4.95 -8.57
C SER A 279 -1.70 -6.15 -9.44
N LEU A 280 -0.85 -7.03 -8.89
CA LEU A 280 -0.51 -8.27 -9.55
C LEU A 280 -1.78 -9.10 -9.78
N GLY A 281 -2.61 -9.24 -8.74
CA GLY A 281 -3.83 -10.02 -8.82
C GLY A 281 -4.81 -9.47 -9.85
N LEU A 282 -4.76 -8.16 -10.05
CA LEU A 282 -5.64 -7.50 -10.99
C LEU A 282 -5.08 -7.60 -12.39
N GLY A 283 -3.91 -8.21 -12.48
CA GLY A 283 -3.24 -8.39 -13.76
C GLY A 283 -2.67 -7.09 -14.28
N ALA A 285 -0.18 -4.23 -15.47
CA ALA A 285 1.17 -4.06 -15.96
C ALA A 285 1.49 -2.58 -16.13
N VAL A 286 2.71 -2.30 -16.57
CA VAL A 286 3.20 -0.93 -16.74
C VAL A 286 2.24 -0.09 -17.58
N GLY A 287 1.78 1.04 -17.03
CA GLY A 287 0.86 1.91 -17.73
C GLY A 287 -0.56 1.88 -17.16
N ASP A 288 -0.85 0.83 -16.40
CA ASP A 288 -2.13 0.70 -15.73
C ASP A 288 -2.10 1.49 -14.42
N VAL A 289 -3.21 2.13 -14.10
CA VAL A 289 -3.41 2.66 -12.76
C VAL A 289 -4.70 2.11 -12.21
N SER A 290 -4.74 1.91 -10.91
CA SER A 290 -5.96 1.53 -10.24
C SER A 290 -6.34 2.66 -9.30
N ILE A 291 -7.64 2.96 -9.25
CA ILE A 291 -8.16 3.88 -8.27
C ILE A 291 -9.03 3.11 -7.28
N SER A 292 -8.57 3.01 -6.05
CA SER A 292 -9.36 2.36 -5.02
C SER A 292 -10.07 3.48 -4.26
N LEU A 293 -11.38 3.50 -4.38
CA LEU A 293 -12.17 4.60 -3.84
C LEU A 293 -13.02 4.12 -2.67
N GLY A 294 -12.49 4.23 -1.46
CA GLY A 294 -13.28 4.05 -0.25
C GLY A 294 -13.59 5.46 0.26
N THR A 295 -13.82 5.61 1.56
CA THR A 295 -13.96 6.94 2.17
C THR A 295 -12.75 7.79 1.82
N SER A 296 -11.59 7.13 1.77
N SER A 296 -11.58 7.15 1.78
CA SER A 296 -10.36 7.73 1.29
CA SER A 296 -10.38 7.77 1.26
C SER A 296 -9.91 7.01 0.02
C SER A 296 -9.99 7.07 -0.03
N GLY A 297 -9.05 7.65 -0.78
CA GLY A 297 -8.65 7.09 -2.05
C GLY A 297 -7.19 6.67 -2.14
N VAL A 298 -6.93 5.71 -3.02
CA VAL A 298 -5.57 5.29 -3.37
C VAL A 298 -5.45 5.13 -4.87
N ALA A 299 -4.65 5.98 -5.51
CA ALA A 299 -4.31 5.83 -6.91
C ALA A 299 -2.91 5.22 -7.06
N ALA A 300 -2.84 4.01 -7.60
CA ALA A 300 -1.57 3.31 -7.74
C ALA A 300 -1.35 2.94 -9.20
N ALA A 301 -0.24 3.38 -9.76
CA ALA A 301 0.08 3.07 -11.14
C ALA A 301 1.35 2.24 -11.18
N ILE A 302 1.46 1.41 -12.21
CA ILE A 302 2.69 0.67 -12.43
C ILE A 302 3.57 1.44 -13.40
N SER A 303 4.79 1.72 -12.95
CA SER A 303 5.75 2.55 -13.65
C SER A 303 6.98 1.73 -14.04
N GLU A 304 7.40 1.84 -15.30
CA GLU A 304 8.59 1.16 -15.78
C GLU A 304 9.84 1.59 -14.97
N ASN A 305 9.96 2.88 -14.73
CA ASN A 305 11.15 3.46 -14.09
C ASN A 305 10.83 4.00 -12.70
N PRO A 306 11.86 4.21 -11.86
CA PRO A 306 11.63 4.81 -10.53
C PRO A 306 10.89 6.14 -10.68
N THR A 307 10.13 6.52 -9.67
CA THR A 307 9.36 7.77 -9.69
C THR A 307 9.67 8.61 -8.46
N TYR A 308 9.81 9.92 -8.64
CA TYR A 308 10.28 10.81 -7.59
C TYR A 308 9.44 12.08 -7.47
N ASP A 309 8.42 12.06 -6.63
CA ASP A 309 7.66 13.27 -6.34
C ASP A 309 8.38 14.09 -5.24
N LEU A 310 9.22 15.04 -5.65
CA LEU A 310 10.04 15.83 -4.73
C LEU A 310 9.20 16.56 -3.70
N THR A 311 7.92 16.64 -3.99
CA THR A 311 6.91 17.24 -3.14
C THR A 311 6.58 16.37 -1.91
N GLY A 312 6.73 15.06 -2.05
CA GLY A 312 6.47 14.13 -0.96
C GLY A 312 5.00 13.77 -0.81
N ALA A 313 4.22 13.97 -1.87
CA ALA A 313 2.83 13.53 -1.87
C ALA A 313 2.75 12.08 -2.34
N VAL A 314 3.25 11.84 -3.54
CA VAL A 314 3.21 10.50 -4.11
C VAL A 314 4.36 9.68 -3.55
N SER A 315 4.02 8.53 -2.96
CA SER A 315 4.99 7.55 -2.51
C SER A 315 5.71 6.87 -3.68
N GLY A 316 6.99 6.60 -3.52
CA GLY A 316 7.77 5.91 -4.53
C GLY A 316 8.04 4.47 -4.14
N PHE A 317 7.00 3.63 -4.19
CA PHE A 317 7.13 2.23 -3.85
C PHE A 317 7.51 1.41 -5.08
N ALA A 318 7.85 0.14 -4.85
CA ALA A 318 8.07 -0.80 -5.93
C ALA A 318 6.86 -1.72 -6.07
N ASP A 319 6.65 -2.27 -7.26
CA ASP A 319 5.54 -3.19 -7.48
C ASP A 319 6.07 -4.63 -7.34
N CYS A 320 5.26 -5.60 -7.78
CA CYS A 320 5.64 -7.01 -7.66
C CYS A 320 6.07 -7.66 -8.98
N THR A 321 6.51 -6.87 -9.93
CA THR A 321 6.95 -7.42 -11.22
C THR A 321 8.36 -6.93 -11.58
N GLY A 322 9.07 -6.44 -10.58
CA GLY A 322 10.39 -5.88 -10.81
C GLY A 322 10.34 -4.43 -11.22
N HIS A 323 9.16 -3.82 -11.12
CA HIS A 323 9.02 -2.43 -11.54
C HIS A 323 8.62 -1.49 -10.40
N TYR A 324 7.85 -0.45 -10.73
CA TYR A 324 7.58 0.60 -9.75
C TYR A 324 6.12 0.92 -9.56
N LEU A 325 5.79 1.31 -8.34
CA LEU A 325 4.42 1.59 -7.90
C LEU A 325 4.28 3.00 -7.26
N PRO A 326 4.30 4.04 -8.10
CA PRO A 326 3.94 5.37 -7.59
C PRO A 326 2.55 5.29 -6.97
N LEU A 327 2.42 5.72 -5.72
CA LEU A 327 1.18 5.53 -4.99
C LEU A 327 0.70 6.84 -4.38
N ALA A 328 -0.51 7.24 -4.74
CA ALA A 328 -1.06 8.52 -4.33
C ALA A 328 -2.27 8.35 -3.44
N CYS A 329 -2.10 8.64 -2.15
CA CYS A 329 -3.22 8.57 -1.22
C CYS A 329 -3.97 9.90 -1.13
N THR A 330 -5.29 9.83 -1.15
CA THR A 330 -6.11 11.01 -0.94
C THR A 330 -6.95 10.82 0.33
N ILE A 331 -6.92 11.79 1.22
CA ILE A 331 -7.74 11.76 2.42
C ILE A 331 -9.21 11.72 2.03
N ASN A 332 -9.54 12.51 1.03
CA ASN A 332 -10.92 12.70 0.65
C ASN A 332 -11.33 11.91 -0.57
N GLY A 333 -12.02 10.80 -0.32
CA GLY A 333 -12.59 10.02 -1.39
C GLY A 333 -14.09 10.10 -1.26
N SER A 334 -14.70 8.95 -0.99
CA SER A 334 -16.14 8.84 -0.84
C SER A 334 -16.66 9.79 0.25
N ARG A 335 -15.83 10.09 1.25
CA ARG A 335 -16.27 10.98 2.32
C ARG A 335 -16.77 12.32 1.77
N ILE A 336 -16.22 12.75 0.64
CA ILE A 336 -16.69 13.96 -0.03
C ILE A 336 -18.20 13.89 -0.26
N LEU A 337 -18.67 12.69 -0.62
CA LEU A 337 -20.08 12.48 -0.90
C LEU A 337 -20.92 12.50 0.37
N ASP A 338 -20.30 12.10 1.49
CA ASP A 338 -20.95 12.21 2.79
C ASP A 338 -21.12 13.69 3.15
N ALA A 339 -20.05 14.46 2.94
CA ALA A 339 -20.10 15.90 3.12
C ALA A 339 -21.28 16.47 2.35
N GLY A 340 -21.41 16.04 1.10
CA GLY A 340 -22.48 16.47 0.23
C GLY A 340 -23.87 16.21 0.78
N ARG A 341 -24.04 15.05 1.40
CA ARG A 341 -25.34 14.69 1.97
C ARG A 341 -25.69 15.57 3.17
N ALA A 342 -24.75 15.73 4.08
CA ALA A 342 -24.95 16.60 5.25
C ALA A 342 -25.23 18.03 4.78
N ALA A 343 -24.39 18.53 3.90
CA ALA A 343 -24.52 19.90 3.41
C ALA A 343 -25.88 20.18 2.77
N LEU A 344 -26.39 19.24 1.98
CA LEU A 344 -27.62 19.49 1.25
C LEU A 344 -28.87 18.90 1.90
N GLY A 345 -28.68 18.08 2.94
CA GLY A 345 -29.78 17.37 3.54
C GLY A 345 -30.47 16.44 2.55
N VAL A 346 -29.70 15.49 2.02
CA VAL A 346 -30.19 14.52 1.04
C VAL A 346 -29.48 13.20 1.28
N ASP A 347 -30.02 12.11 0.73
CA ASP A 347 -29.31 10.83 0.76
C ASP A 347 -28.58 10.61 -0.57
N TYR A 348 -27.90 9.47 -0.69
CA TYR A 348 -27.07 9.21 -1.87
C TYR A 348 -27.77 9.41 -3.21
N ASP A 349 -28.90 8.74 -3.42
CA ASP A 349 -29.61 8.86 -4.70
C ASP A 349 -30.07 10.29 -4.94
N GLU A 350 -30.57 10.92 -3.89
CA GLU A 350 -30.99 12.31 -3.92
C GLU A 350 -29.87 13.19 -4.44
N LEU A 351 -28.69 13.01 -3.87
CA LEU A 351 -27.51 13.74 -4.31
C LEU A 351 -27.25 13.52 -5.79
N ALA A 352 -27.28 12.26 -6.20
CA ALA A 352 -27.02 11.92 -7.59
C ALA A 352 -28.04 12.57 -8.53
N LYS A 353 -29.32 12.41 -8.22
CA LYS A 353 -30.37 12.98 -9.06
C LYS A 353 -30.10 14.46 -9.26
N LEU A 354 -29.81 15.13 -8.15
CA LEU A 354 -29.48 16.54 -8.11
C LEU A 354 -28.35 16.84 -9.09
N ALA A 355 -27.24 16.12 -8.93
CA ALA A 355 -26.04 16.36 -9.70
C ALA A 355 -26.27 16.16 -11.20
N PHE A 356 -27.03 15.13 -11.55
CA PHE A 356 -27.34 14.87 -12.95
C PHE A 356 -28.31 15.91 -13.53
N ALA A 357 -29.04 16.58 -12.66
CA ALA A 357 -29.91 17.66 -13.11
C ALA A 357 -29.09 18.88 -13.58
N SER A 358 -27.84 18.94 -13.14
CA SER A 358 -26.93 20.03 -13.48
C SER A 358 -26.28 19.81 -14.85
N LYS A 359 -25.10 20.39 -15.04
CA LYS A 359 -24.33 20.27 -16.26
C LYS A 359 -22.84 20.10 -15.95
N PRO A 360 -22.06 19.54 -16.90
CA PRO A 360 -20.63 19.39 -16.68
C PRO A 360 -19.99 20.75 -16.37
N GLY A 361 -19.37 20.87 -15.21
CA GLY A 361 -18.81 22.13 -14.78
C GLY A 361 -19.67 22.77 -13.70
N ALA A 362 -20.86 22.21 -13.51
CA ALA A 362 -21.77 22.67 -12.47
C ALA A 362 -22.04 24.17 -12.63
N ASN A 363 -22.18 24.60 -13.87
CA ASN A 363 -22.44 26.00 -14.16
C ASN A 363 -21.49 26.94 -13.41
N GLY A 364 -20.24 26.50 -13.25
CA GLY A 364 -19.18 27.38 -12.78
C GLY A 364 -18.70 27.15 -11.36
N ILE A 365 -19.43 26.36 -10.59
CA ILE A 365 -19.02 26.07 -9.22
C ILE A 365 -17.97 24.96 -9.18
N THR A 366 -16.88 25.21 -8.48
CA THR A 366 -15.83 24.23 -8.31
C THR A 366 -15.60 23.96 -6.82
N LEU A 367 -15.52 22.68 -6.49
CA LEU A 367 -15.14 22.25 -5.15
C LEU A 367 -13.71 21.72 -5.18
N VAL A 368 -12.85 22.27 -4.32
CA VAL A 368 -11.56 21.65 -4.02
C VAL A 368 -11.72 20.98 -2.67
N PRO A 369 -11.89 19.65 -2.67
CA PRO A 369 -12.44 18.94 -1.53
C PRO A 369 -11.42 18.56 -0.47
N TYR A 370 -10.56 19.47 -0.05
CA TYR A 370 -9.54 19.13 0.94
C TYR A 370 -10.10 19.18 2.36
N PHE A 371 -11.23 18.53 2.57
CA PHE A 371 -11.80 18.44 3.91
C PHE A 371 -10.75 17.85 4.83
N ASP A 372 -10.35 18.60 5.85
CA ASP A 372 -9.34 18.12 6.79
C ASP A 372 -7.96 17.94 6.13
N GLY A 373 -7.67 18.74 5.12
CA GLY A 373 -6.38 18.69 4.44
C GLY A 373 -6.31 17.62 3.36
N GLU A 374 -5.12 17.40 2.82
CA GLU A 374 -4.90 16.31 1.86
C GLU A 374 -3.50 15.73 1.93
N ARG A 375 -3.38 14.45 1.59
CA ARG A 375 -2.11 13.78 1.39
C ARG A 375 -1.59 14.13 0.00
N THR A 376 -2.47 14.07 -0.99
CA THR A 376 -2.10 14.38 -2.37
C THR A 376 -3.10 15.38 -2.95
N PRO A 377 -2.65 16.62 -3.24
CA PRO A 377 -1.29 17.14 -3.09
C PRO A 377 -0.94 17.27 -1.59
N ASN A 378 0.32 17.55 -1.27
CA ASN A 378 0.79 17.50 0.11
C ASN A 378 0.43 18.74 0.91
N ARG A 379 -0.80 18.78 1.43
CA ARG A 379 -1.33 19.98 2.08
C ARG A 379 -2.09 19.65 3.35
N PRO A 380 -1.36 19.36 4.43
CA PRO A 380 -1.90 18.87 5.70
C PRO A 380 -2.89 19.84 6.36
N ASN A 381 -2.60 21.13 6.31
CA ASN A 381 -3.44 22.09 7.04
C ASN A 381 -4.45 22.76 6.14
N ALA A 382 -4.70 22.16 4.98
CA ALA A 382 -5.62 22.73 4.01
C ALA A 382 -7.05 22.45 4.41
N THR A 383 -7.96 23.21 3.82
CA THR A 383 -9.37 23.06 4.09
C THR A 383 -10.11 23.07 2.75
N ALA A 384 -11.34 22.56 2.72
CA ALA A 384 -12.08 22.50 1.46
C ALA A 384 -12.68 23.86 1.06
N THR A 385 -12.82 24.08 -0.24
CA THR A 385 -13.22 25.37 -0.79
C THR A 385 -14.18 25.29 -1.98
N PHE A 386 -15.37 25.89 -1.84
CA PHE A 386 -16.27 26.10 -2.98
C PHE A 386 -15.98 27.46 -3.60
N SER A 387 -15.77 27.49 -4.91
CA SER A 387 -15.52 28.75 -5.60
C SER A 387 -16.42 28.91 -6.84
N GLY A 388 -16.35 30.07 -7.49
CA GLY A 388 -17.10 30.33 -8.71
C GLY A 388 -18.59 30.52 -8.49
N THR A 390 -22.23 32.18 -7.73
CA THR A 390 -22.96 33.23 -8.43
C THR A 390 -24.40 33.11 -7.93
N LEU A 391 -25.18 34.20 -7.94
CA LEU A 391 -26.58 34.08 -7.51
C LEU A 391 -27.31 33.05 -8.39
N ALA A 392 -27.17 33.19 -9.70
CA ALA A 392 -27.80 32.26 -10.65
C ALA A 392 -27.40 30.80 -10.43
N ASN A 393 -26.11 30.55 -10.17
CA ASN A 393 -25.65 29.16 -10.11
C ASN A 393 -25.62 28.54 -8.72
N THR A 394 -25.89 29.35 -7.69
CA THR A 394 -25.82 28.82 -6.33
C THR A 394 -27.10 28.09 -5.95
N THR A 395 -27.17 26.83 -6.35
CA THR A 395 -28.37 26.02 -6.19
C THR A 395 -27.97 24.61 -5.78
N ARG A 396 -28.91 23.83 -5.27
CA ARG A 396 -28.59 22.48 -4.82
C ARG A 396 -28.08 21.59 -5.95
N GLU A 397 -28.67 21.75 -7.13
CA GLU A 397 -28.27 20.93 -8.27
C GLU A 397 -26.79 21.14 -8.59
N ASN A 398 -26.40 22.40 -8.78
CA ASN A 398 -25.02 22.74 -9.12
C ASN A 398 -24.05 22.39 -8.00
N LEU A 399 -24.44 22.63 -6.75
CA LEU A 399 -23.60 22.25 -5.62
C LEU A 399 -23.41 20.73 -5.60
N ALA A 400 -24.52 20.00 -5.73
CA ALA A 400 -24.48 18.54 -5.79
C ALA A 400 -23.46 18.10 -6.84
N ARG A 401 -23.59 18.65 -8.04
CA ARG A 401 -22.71 18.32 -9.14
C ARG A 401 -21.25 18.68 -8.83
N ALA A 402 -21.05 19.78 -8.10
CA ALA A 402 -19.71 20.20 -7.70
C ALA A 402 -19.06 19.25 -6.70
N PHE A 403 -19.88 18.67 -5.82
CA PHE A 403 -19.39 17.66 -4.88
C PHE A 403 -18.87 16.43 -5.65
N VAL A 404 -19.66 15.95 -6.61
CA VAL A 404 -19.26 14.79 -7.41
C VAL A 404 -18.06 15.10 -8.32
N GLU A 405 -18.11 16.25 -8.99
CA GLU A 405 -17.04 16.62 -9.89
C GLU A 405 -15.76 16.87 -9.12
N GLY A 406 -15.89 17.28 -7.86
CA GLY A 406 -14.72 17.54 -7.04
C GLY A 406 -14.03 16.24 -6.67
N LEU A 407 -14.81 15.26 -6.24
CA LEU A 407 -14.28 13.95 -5.92
C LEU A 407 -13.48 13.39 -7.10
N LEU A 408 -14.09 13.38 -8.28
CA LEU A 408 -13.46 12.84 -9.48
C LEU A 408 -12.25 13.64 -9.95
N CYS A 409 -12.33 14.97 -9.85
CA CYS A 409 -11.25 15.86 -10.24
C CYS A 409 -9.97 15.66 -9.42
N SER A 410 -10.13 15.41 -8.13
CA SER A 410 -9.00 15.13 -7.26
C SER A 410 -8.29 13.87 -7.74
N GLN A 411 -9.05 12.82 -8.04
CA GLN A 411 -8.46 11.58 -8.55
C GLN A 411 -7.75 11.83 -9.89
N ARG A 412 -8.34 12.67 -10.74
CA ARG A 412 -7.66 13.04 -11.97
C ARG A 412 -6.37 13.76 -11.67
N ASP A 413 -6.44 14.72 -10.73
CA ASP A 413 -5.25 15.44 -10.29
C ASP A 413 -4.14 14.47 -9.92
N CYS A 414 -4.51 13.39 -9.23
CA CYS A 414 -3.53 12.35 -8.90
C CYS A 414 -2.93 11.70 -10.14
N LEU A 415 -3.77 11.38 -11.11
CA LEU A 415 -3.27 10.78 -12.36
C LEU A 415 -2.27 11.72 -13.05
N GLU A 416 -2.59 13.03 -13.07
CA GLU A 416 -1.73 14.01 -13.71
C GLU A 416 -0.41 14.17 -12.98
N LEU A 417 -0.46 14.11 -11.65
CA LEU A 417 0.76 14.19 -10.86
C LEU A 417 1.65 12.96 -11.11
N ILE A 418 1.06 11.78 -11.12
CA ILE A 418 1.83 10.56 -11.40
C ILE A 418 2.44 10.63 -12.79
N ARG A 419 1.64 11.02 -13.79
CA ARG A 419 2.16 11.26 -15.12
C ARG A 419 3.34 12.23 -15.13
N SER A 420 3.27 13.26 -14.29
CA SER A 420 4.32 14.28 -14.23
C SER A 420 5.63 13.70 -13.69
N LEU A 421 5.55 12.58 -13.00
CA LEU A 421 6.74 11.88 -12.51
C LEU A 421 7.38 11.00 -13.59
N GLY A 422 6.85 11.08 -14.81
CA GLY A 422 7.37 10.29 -15.91
C GLY A 422 6.70 8.95 -16.15
N ALA A 423 5.68 8.62 -15.36
CA ALA A 423 4.94 7.35 -15.52
C ALA A 423 3.69 7.49 -16.39
N SER A 424 3.74 6.96 -17.62
CA SER A 424 2.55 6.95 -18.48
C SER A 424 1.39 6.22 -17.80
N ILE A 425 0.18 6.71 -18.03
CA ILE A 425 -1.00 6.00 -17.61
C ILE A 425 -1.95 5.86 -18.80
N THR A 426 -2.20 4.63 -19.24
CA THR A 426 -2.93 4.38 -20.48
C THR A 426 -4.21 3.56 -20.30
N ARG A 427 -4.45 3.12 -19.07
CA ARG A 427 -5.68 2.41 -18.74
C ARG A 427 -5.97 2.58 -17.25
N ILE A 428 -7.25 2.76 -16.93
CA ILE A 428 -7.70 3.02 -15.55
C ILE A 428 -8.61 1.90 -15.07
N LEU A 429 -8.30 1.34 -13.90
CA LEU A 429 -9.18 0.40 -13.24
C LEU A 429 -9.78 1.09 -12.02
N LEU A 430 -11.07 0.89 -11.81
CA LEU A 430 -11.76 1.51 -10.69
C LEU A 430 -12.30 0.42 -9.76
N ILE A 431 -11.82 0.42 -8.53
CA ILE A 431 -12.21 -0.58 -7.54
C ILE A 431 -12.62 0.08 -6.24
N GLY A 432 -12.94 -0.74 -5.24
CA GLY A 432 -13.39 -0.25 -3.96
C GLY A 432 -14.87 0.08 -3.96
N GLY A 433 -15.39 0.45 -2.78
CA GLY A 433 -16.79 0.79 -2.59
C GLY A 433 -17.30 1.86 -3.54
N GLY A 434 -16.51 2.91 -3.75
CA GLY A 434 -16.92 3.98 -4.63
C GLY A 434 -17.28 3.49 -6.03
N ALA A 435 -16.80 2.30 -6.39
CA ALA A 435 -17.02 1.78 -7.73
C ALA A 435 -18.48 1.41 -7.99
N LYS A 436 -19.24 1.15 -6.92
CA LYS A 436 -20.64 0.85 -7.12
C LYS A 436 -21.52 2.10 -7.18
N SER A 437 -20.92 3.27 -6.98
CA SER A 437 -21.67 4.53 -7.02
C SER A 437 -22.03 4.93 -8.44
N GLU A 438 -23.33 5.00 -8.74
CA GLU A 438 -23.80 5.27 -10.08
C GLU A 438 -23.29 6.61 -10.61
N ALA A 439 -23.23 7.61 -9.74
CA ALA A 439 -22.78 8.94 -10.11
C ALA A 439 -21.27 8.97 -10.39
N ILE A 440 -20.50 8.34 -9.52
CA ILE A 440 -19.06 8.25 -9.74
C ILE A 440 -18.83 7.45 -11.01
N ARG A 441 -19.42 6.26 -11.03
CA ARG A 441 -19.38 5.36 -12.17
C ARG A 441 -19.78 6.06 -13.48
N THR A 442 -20.78 6.93 -13.43
CA THR A 442 -21.27 7.58 -14.65
C THR A 442 -20.39 8.73 -15.13
N LEU A 443 -19.88 9.51 -14.19
CA LEU A 443 -19.12 10.69 -14.56
C LEU A 443 -17.62 10.45 -14.71
N ALA A 444 -17.14 9.29 -14.24
CA ALA A 444 -15.69 9.00 -14.26
C ALA A 444 -15.00 9.16 -15.62
N PRO A 445 -15.54 8.51 -16.67
CA PRO A 445 -14.83 8.57 -17.96
C PRO A 445 -14.67 9.98 -18.46
N SER A 446 -15.76 10.75 -18.36
CA SER A 446 -15.82 12.15 -18.74
C SER A 446 -14.70 12.97 -18.11
N ILE A 447 -14.60 12.93 -16.78
CA ILE A 447 -13.66 13.81 -16.12
C ILE A 447 -12.24 13.19 -15.95
N LEU A 448 -12.16 11.87 -15.81
CA LEU A 448 -10.85 11.22 -15.76
C LEU A 448 -10.17 11.27 -17.14
N GLY A 449 -10.98 11.32 -18.17
CA GLY A 449 -10.48 11.55 -19.53
C GLY A 449 -10.22 10.30 -20.35
N ASP A 451 -11.71 5.76 -20.83
CA ASP A 451 -12.48 4.61 -20.39
C ASP A 451 -12.10 4.25 -18.96
N VAL A 452 -13.08 3.79 -18.19
CA VAL A 452 -12.84 3.34 -16.83
C VAL A 452 -13.33 1.93 -16.69
N THR A 453 -12.40 1.00 -16.57
CA THR A 453 -12.70 -0.41 -16.38
C THR A 453 -13.07 -0.72 -14.93
N ARG A 454 -14.13 -1.49 -14.75
CA ARG A 454 -14.55 -1.93 -13.42
C ARG A 454 -14.37 -3.44 -13.27
N PRO A 455 -13.24 -3.86 -12.67
CA PRO A 455 -13.00 -5.27 -12.40
C PRO A 455 -14.02 -5.79 -11.41
N ALA A 456 -14.49 -7.02 -11.58
CA ALA A 456 -15.42 -7.59 -10.62
C ALA A 456 -14.79 -7.59 -9.22
N THR A 457 -15.59 -7.26 -8.22
CA THR A 457 -15.13 -7.28 -6.84
C THR A 457 -14.63 -8.69 -6.49
N ASP A 458 -13.46 -8.75 -5.85
CA ASP A 458 -12.80 -10.04 -5.54
C ASP A 458 -11.62 -9.82 -4.57
N GLU A 459 -11.04 -10.92 -4.11
CA GLU A 459 -9.92 -10.85 -3.18
C GLU A 459 -8.62 -10.60 -3.93
N TYR A 460 -8.42 -9.36 -4.38
CA TYR A 460 -7.29 -9.08 -5.26
C TYR A 460 -5.93 -9.37 -4.61
N VAL A 461 -5.82 -9.13 -3.30
CA VAL A 461 -4.52 -9.37 -2.63
C VAL A 461 -4.21 -10.86 -2.59
N ALA A 462 -5.17 -11.64 -2.14
CA ALA A 462 -5.03 -13.10 -2.07
C ALA A 462 -4.79 -13.70 -3.45
N ILE A 463 -5.49 -13.17 -4.45
CA ILE A 463 -5.30 -13.64 -5.83
C ILE A 463 -3.90 -13.28 -6.33
N GLY A 464 -3.45 -12.04 -6.06
CA GLY A 464 -2.11 -11.63 -6.42
C GLY A 464 -1.02 -12.48 -5.77
N ALA A 465 -1.20 -12.82 -4.50
CA ALA A 465 -0.23 -13.67 -3.83
C ALA A 465 -0.19 -15.07 -4.45
N ALA A 466 -1.36 -15.60 -4.79
CA ALA A 466 -1.40 -16.91 -5.44
C ALA A 466 -0.75 -16.85 -6.80
N ARG A 467 -0.97 -15.74 -7.52
CA ARG A 467 -0.38 -15.56 -8.83
C ARG A 467 1.14 -15.52 -8.75
N GLN A 468 1.65 -14.92 -7.69
CA GLN A 468 3.09 -14.83 -7.54
C GLN A 468 3.69 -16.18 -7.18
N ALA A 469 3.00 -16.92 -6.34
CA ALA A 469 3.45 -18.27 -5.98
C ALA A 469 3.42 -19.18 -7.23
N ALA A 470 2.35 -19.07 -8.02
CA ALA A 470 2.29 -19.83 -9.28
C ALA A 470 3.38 -19.39 -10.27
N TRP A 471 3.66 -18.11 -10.32
CA TRP A 471 4.74 -17.57 -11.14
C TRP A 471 6.09 -18.19 -10.78
N VAL A 472 6.44 -18.15 -9.48
CA VAL A 472 7.69 -18.73 -9.00
C VAL A 472 7.73 -20.24 -9.28
N LEU A 473 6.65 -20.93 -8.94
CA LEU A 473 6.56 -22.37 -9.15
C LEU A 473 6.78 -22.75 -10.62
N SER A 474 6.28 -21.93 -11.55
CA SER A 474 6.32 -22.28 -12.98
C SER A 474 7.71 -22.08 -13.59
N GLY A 475 8.46 -21.13 -13.03
CA GLY A 475 9.80 -20.83 -13.49
C GLY A 475 9.83 -20.10 -14.81
N GLU A 476 8.66 -19.72 -15.29
CA GLU A 476 8.58 -18.96 -16.53
C GLU A 476 8.84 -17.46 -16.32
N THR A 477 9.20 -16.79 -17.40
CA THR A 477 9.59 -15.38 -17.33
C THR A 477 8.40 -14.46 -17.04
N GLU A 478 7.25 -14.77 -17.62
CA GLU A 478 6.05 -13.98 -17.36
C GLU A 478 5.15 -14.67 -16.34
N PRO A 479 4.42 -13.87 -15.56
CA PRO A 479 3.48 -14.35 -14.53
C PRO A 479 2.34 -15.09 -15.22
N PRO A 480 1.68 -16.01 -14.50
CA PRO A 480 0.54 -16.76 -15.01
C PRO A 480 -0.51 -15.87 -15.67
N ALA A 481 -0.86 -16.19 -16.92
CA ALA A 481 -1.89 -15.45 -17.64
C ALA A 481 -3.31 -15.85 -17.23
N TRP A 482 -3.72 -15.48 -16.01
CA TRP A 482 -5.04 -15.86 -15.49
C TRP A 482 -6.19 -14.99 -16.04
N GLN A 483 -7.35 -15.61 -16.23
CA GLN A 483 -8.55 -14.88 -16.62
C GLN A 483 -8.93 -13.86 -15.56
N LEU A 484 -9.27 -12.66 -16.02
CA LEU A 484 -9.75 -11.60 -15.14
C LEU A 484 -11.23 -11.36 -15.42
N THR A 485 -12.04 -11.27 -14.37
CA THR A 485 -13.45 -10.94 -14.54
C THR A 485 -13.68 -9.43 -14.45
N ILE A 486 -14.35 -8.89 -15.46
CA ILE A 486 -14.68 -7.47 -15.53
C ILE A 486 -16.19 -7.28 -15.41
N ASP A 487 -16.62 -6.43 -14.47
CA ASP A 487 -18.03 -6.09 -14.32
C ASP A 487 -18.53 -5.21 -15.46
N GLY A 488 -17.69 -4.28 -15.91
CA GLY A 488 -18.07 -3.37 -16.97
C GLY A 488 -17.01 -2.35 -17.29
N VAL A 489 -17.20 -1.64 -18.42
CA VAL A 489 -16.32 -0.55 -18.82
C VAL A 489 -17.17 0.70 -19.02
N GLU A 490 -16.84 1.77 -18.29
CA GLU A 490 -17.56 3.04 -18.44
C GLU A 490 -16.91 3.92 -19.49
N THR A 491 -17.70 4.37 -20.46
CA THR A 491 -17.18 5.25 -21.48
C THR A 491 -17.98 6.54 -21.46
N GLY A 492 -17.33 7.63 -21.86
CA GLY A 492 -17.99 8.92 -21.87
C GLY A 492 -17.08 9.93 -22.52
N GLU A 493 -17.66 10.81 -23.32
CA GLU A 493 -16.88 11.87 -23.96
C GLU A 493 -16.15 12.70 -22.91
N PRO A 494 -14.86 12.92 -23.13
CA PRO A 494 -14.03 13.77 -22.27
C PRO A 494 -14.54 15.21 -22.20
N THR A 495 -14.58 15.75 -20.99
CA THR A 495 -14.91 17.15 -20.78
C THR A 495 -13.74 17.78 -20.01
N GLU A 496 -12.79 18.32 -20.76
CA GLU A 496 -11.53 18.77 -20.17
C GLU A 496 -11.72 20.00 -19.30
N ALA A 497 -12.69 20.83 -19.66
CA ALA A 497 -12.93 22.09 -18.96
C ALA A 497 -13.29 21.91 -17.48
N VAL A 498 -13.89 20.77 -17.15
CA VAL A 498 -14.18 20.48 -15.75
C VAL A 498 -12.89 20.43 -14.94
N TYR A 499 -11.97 19.55 -15.31
CA TYR A 499 -10.70 19.48 -14.61
C TYR A 499 -9.84 20.74 -14.75
N GLU A 500 -9.92 21.41 -15.89
CA GLU A 500 -9.15 22.64 -16.09
C GLU A 500 -9.58 23.72 -15.08
N ALA A 501 -10.88 23.80 -14.82
CA ALA A 501 -11.41 24.72 -13.80
C ALA A 501 -10.96 24.31 -12.40
N TYR A 502 -10.99 23.01 -12.13
CA TYR A 502 -10.58 22.47 -10.84
C TYR A 502 -9.12 22.81 -10.60
N ALA A 503 -8.29 22.63 -11.62
CA ALA A 503 -6.86 22.87 -11.46
C ALA A 503 -6.59 24.33 -11.13
N LYS A 504 -7.26 25.24 -11.83
CA LYS A 504 -7.15 26.66 -11.49
C LYS A 504 -7.48 26.88 -10.03
N ALA A 505 -8.66 26.41 -9.61
CA ALA A 505 -9.11 26.61 -8.23
C ALA A 505 -8.14 26.09 -7.18
N ARG A 506 -7.64 24.87 -7.35
CA ARG A 506 -6.79 24.27 -6.33
C ARG A 506 -5.41 24.91 -6.31
N GLY A 507 -5.06 25.54 -7.42
CA GLY A 507 -3.82 26.31 -7.50
C GLY A 507 -2.59 25.44 -7.66
#